data_1B1A
#
_entry.id   1B1A
#
_cell.length_a   1.000
_cell.length_b   1.000
_cell.length_c   1.000
_cell.angle_alpha   90.00
_cell.angle_beta   90.00
_cell.angle_gamma   90.00
#
_symmetry.space_group_name_H-M   'P 1'
#
_entity_poly.entity_id   1
_entity_poly.type   'polypeptide(L)'
_entity_poly.pdbx_seq_one_letter_code
;MEKKTIVLGVIGSDCHAVGNKILDHAFTNAGFNVVNIGVLSPQEVFIKAAIETKADAILLSSLYGQGEIDCKGLRQKCDE
AGLEGILLYVGGNIVVGKQHWPDVEKRFKDMGYDRVYAPGTPPEVGIADLKKDLNIE
;
_entity_poly.pdbx_strand_id   A
#
# COMPACT_ATOMS: atom_id res chain seq x y z
N MET A 1 5.73 6.83 -22.71
CA MET A 1 4.88 5.71 -22.35
C MET A 1 5.69 4.89 -21.35
N GLU A 2 4.95 4.40 -20.34
CA GLU A 2 5.53 3.60 -19.29
C GLU A 2 4.36 2.83 -18.66
N LYS A 3 4.80 1.79 -17.92
CA LYS A 3 3.94 0.89 -17.17
C LYS A 3 3.52 1.70 -15.93
N LYS A 4 2.90 0.97 -14.98
CA LYS A 4 2.50 1.64 -13.76
C LYS A 4 3.79 1.78 -12.94
N THR A 5 3.58 2.38 -11.76
CA THR A 5 4.70 2.64 -10.88
C THR A 5 4.03 2.56 -9.53
N ILE A 6 4.17 1.32 -9.04
CA ILE A 6 3.53 0.97 -7.81
C ILE A 6 4.64 0.50 -6.89
N VAL A 7 4.26 0.58 -5.62
CA VAL A 7 5.15 0.16 -4.54
C VAL A 7 4.24 -0.32 -3.42
N LEU A 8 4.91 -1.03 -2.50
CA LEU A 8 4.26 -1.52 -1.32
C LEU A 8 5.34 -1.31 -0.24
N GLY A 9 4.94 -0.48 0.75
CA GLY A 9 5.83 -0.15 1.84
C GLY A 9 5.77 -1.15 2.98
N VAL A 10 6.63 -0.85 3.96
CA VAL A 10 6.79 -1.67 5.16
C VAL A 10 7.34 -3.06 4.77
N ILE A 11 6.46 -4.08 4.81
CA ILE A 11 6.89 -5.42 4.46
C ILE A 11 5.63 -6.16 3.99
N GLY A 12 5.68 -6.46 2.67
CA GLY A 12 4.61 -7.18 2.00
C GLY A 12 4.92 -8.68 1.94
N SER A 13 5.30 -9.10 0.71
CA SER A 13 5.63 -10.50 0.49
C SER A 13 6.44 -10.54 -0.80
N ASP A 14 7.17 -11.66 -0.87
CA ASP A 14 8.02 -11.98 -1.99
C ASP A 14 8.00 -13.52 -2.02
N CYS A 15 7.17 -14.05 -2.95
CA CYS A 15 7.00 -15.48 -3.10
C CYS A 15 8.18 -15.92 -3.99
N HIS A 16 9.27 -16.23 -3.24
CA HIS A 16 10.53 -16.67 -3.80
C HIS A 16 10.93 -17.86 -2.94
N ALA A 17 10.89 -17.59 -1.62
CA ALA A 17 11.21 -18.57 -0.60
C ALA A 17 10.20 -18.31 0.53
N VAL A 18 8.95 -18.06 0.08
CA VAL A 18 7.83 -17.79 0.98
C VAL A 18 6.60 -18.58 0.50
N GLY A 19 6.31 -18.38 -0.82
CA GLY A 19 5.18 -19.05 -1.45
C GLY A 19 3.87 -18.40 -1.01
N ASN A 20 3.34 -17.55 -1.92
CA ASN A 20 2.11 -16.83 -1.64
C ASN A 20 1.38 -16.71 -2.97
N LYS A 21 0.38 -15.80 -2.91
CA LYS A 21 -0.46 -15.45 -4.04
C LYS A 21 -0.26 -13.94 -4.16
N ILE A 22 0.76 -13.60 -4.98
CA ILE A 22 1.07 -12.19 -5.21
C ILE A 22 1.41 -12.06 -6.70
N LEU A 23 2.18 -13.05 -7.21
CA LEU A 23 2.60 -13.08 -8.61
C LEU A 23 1.78 -14.20 -9.24
N ASP A 24 0.47 -13.90 -9.36
CA ASP A 24 -0.49 -14.85 -9.90
C ASP A 24 -0.59 -14.56 -11.40
N HIS A 25 -0.78 -13.26 -11.69
CA HIS A 25 -0.93 -12.80 -13.06
C HIS A 25 -0.30 -11.41 -13.13
N ALA A 26 -0.62 -10.60 -12.08
CA ALA A 26 -0.12 -9.24 -12.02
C ALA A 26 0.37 -9.04 -10.58
N PHE A 27 1.08 -7.89 -10.48
CA PHE A 27 1.74 -7.34 -9.30
C PHE A 27 3.12 -6.94 -9.80
N THR A 28 3.75 -7.95 -10.42
CA THR A 28 5.07 -7.77 -10.98
C THR A 28 5.23 -8.82 -12.09
N ASN A 29 4.28 -9.76 -12.09
CA ASN A 29 4.19 -10.80 -13.09
C ASN A 29 3.51 -10.12 -14.31
N ALA A 30 3.20 -8.80 -14.16
CA ALA A 30 2.59 -8.00 -15.17
C ALA A 30 3.75 -7.31 -15.90
N GLY A 31 4.57 -6.68 -15.03
CA GLY A 31 5.76 -5.96 -15.47
C GLY A 31 5.86 -4.52 -14.95
N PHE A 32 5.06 -4.21 -13.88
CA PHE A 32 5.08 -2.89 -13.29
C PHE A 32 6.46 -2.64 -12.69
N ASN A 33 6.63 -1.33 -12.42
CA ASN A 33 7.84 -0.77 -11.84
C ASN A 33 7.60 -0.84 -10.34
N VAL A 34 7.81 -2.08 -9.80
CA VAL A 34 7.57 -2.29 -8.38
C VAL A 34 8.85 -2.29 -7.54
N VAL A 35 8.68 -1.54 -6.43
CA VAL A 35 9.69 -1.40 -5.36
C VAL A 35 9.01 -1.92 -4.09
N ASN A 36 9.82 -2.56 -3.23
CA ASN A 36 9.32 -3.09 -1.98
C ASN A 36 10.25 -2.48 -0.94
N ILE A 37 9.78 -1.32 -0.44
CA ILE A 37 10.55 -0.56 0.53
C ILE A 37 10.21 -1.13 1.90
N GLY A 38 11.30 -1.17 2.71
CA GLY A 38 11.31 -1.70 4.06
C GLY A 38 10.36 -0.99 5.03
N VAL A 39 10.53 -1.45 6.29
CA VAL A 39 9.80 -1.04 7.48
C VAL A 39 9.67 0.49 7.62
N LEU A 40 8.71 0.81 8.52
CA LEU A 40 8.38 2.19 8.84
C LEU A 40 9.58 2.80 9.57
N SER A 41 9.83 4.04 9.11
CA SER A 41 10.90 4.90 9.60
C SER A 41 10.23 6.28 9.68
N PRO A 42 11.03 7.37 9.91
CA PRO A 42 10.49 8.73 10.00
C PRO A 42 9.75 9.00 8.68
N GLN A 43 8.62 9.71 8.85
CA GLN A 43 7.75 10.04 7.72
C GLN A 43 8.41 11.13 6.88
N GLU A 44 9.43 11.80 7.45
CA GLU A 44 10.15 12.86 6.76
C GLU A 44 11.25 12.19 5.88
N VAL A 45 11.62 10.96 6.32
CA VAL A 45 12.61 10.11 5.70
C VAL A 45 11.91 9.20 4.67
N PHE A 46 10.58 9.04 4.91
CA PHE A 46 9.75 8.23 4.04
C PHE A 46 9.30 9.21 2.93
N ILE A 47 9.47 10.51 3.23
CA ILE A 47 9.12 11.59 2.32
C ILE A 47 10.23 11.62 1.26
N LYS A 48 11.47 11.46 1.77
CA LYS A 48 12.65 11.42 0.92
C LYS A 48 12.61 10.11 0.14
N ALA A 49 12.08 9.11 0.87
CA ALA A 49 11.94 7.80 0.28
C ALA A 49 10.73 7.86 -0.67
N ALA A 50 9.95 8.97 -0.64
CA ALA A 50 8.79 9.13 -1.51
C ALA A 50 9.21 9.82 -2.80
N ILE A 51 10.39 10.44 -2.75
CA ILE A 51 10.96 11.12 -3.90
C ILE A 51 11.26 9.97 -4.89
N GLU A 52 11.86 8.91 -4.30
CA GLU A 52 12.19 7.73 -5.06
C GLU A 52 10.88 6.93 -5.28
N THR A 53 10.13 6.75 -4.17
CA THR A 53 8.85 6.04 -4.10
C THR A 53 7.75 7.08 -4.34
N LYS A 54 7.89 7.74 -5.51
CA LYS A 54 6.93 8.71 -6.01
C LYS A 54 5.89 7.92 -6.86
N ALA A 55 5.77 6.64 -6.43
CA ALA A 55 4.92 5.57 -6.87
C ALA A 55 3.52 6.01 -6.61
N ASP A 56 2.77 5.92 -7.73
CA ASP A 56 1.36 6.24 -7.72
C ASP A 56 0.69 5.22 -6.76
N ALA A 57 1.47 4.16 -6.35
CA ALA A 57 0.87 3.23 -5.38
C ALA A 57 1.93 2.96 -4.33
N ILE A 58 1.46 2.90 -3.07
CA ILE A 58 2.34 2.65 -1.94
C ILE A 58 1.46 1.89 -0.92
N LEU A 59 1.32 0.56 -1.16
CA LEU A 59 0.54 -0.26 -0.24
C LEU A 59 1.49 -0.59 0.92
N LEU A 60 1.32 0.18 2.00
CA LEU A 60 2.15 -0.04 3.17
C LEU A 60 1.51 -1.17 3.95
N SER A 61 2.08 -2.36 3.65
CA SER A 61 1.71 -3.62 4.23
C SER A 61 2.41 -3.62 5.58
N SER A 62 1.72 -2.89 6.47
CA SER A 62 2.21 -2.64 7.80
C SER A 62 1.61 -3.68 8.72
N LEU A 63 2.51 -4.11 9.61
CA LEU A 63 2.20 -5.11 10.62
C LEU A 63 2.16 -4.36 11.95
N TYR A 64 1.28 -3.32 11.94
CA TYR A 64 1.01 -2.45 13.08
C TYR A 64 2.29 -1.64 13.36
N GLY A 65 2.31 -0.41 12.80
CA GLY A 65 3.47 0.45 13.01
C GLY A 65 3.35 1.78 12.26
N GLN A 66 3.73 2.84 13.01
CA GLN A 66 3.74 4.23 12.58
C GLN A 66 2.37 4.80 13.02
N GLY A 67 2.22 6.14 12.85
CA GLY A 67 1.01 6.88 13.21
C GLY A 67 -0.26 6.30 12.56
N GLU A 68 -0.95 5.49 13.40
CA GLU A 68 -2.18 4.79 13.03
C GLU A 68 -1.87 4.15 11.67
N ILE A 69 -0.76 3.38 11.67
CA ILE A 69 -0.22 2.72 10.48
C ILE A 69 0.47 3.89 9.72
N ASP A 70 0.54 3.74 8.39
CA ASP A 70 1.16 4.77 7.55
C ASP A 70 -0.04 5.53 6.94
N CYS A 71 -1.10 5.55 7.77
CA CYS A 71 -2.41 6.12 7.48
C CYS A 71 -2.30 7.55 7.96
N LYS A 72 -2.21 7.66 9.29
CA LYS A 72 -2.06 8.99 9.83
C LYS A 72 -0.59 9.38 9.58
N GLY A 73 0.31 8.35 9.60
CA GLY A 73 1.70 8.67 9.38
C GLY A 73 2.00 9.20 7.97
N LEU A 74 2.01 8.25 7.02
CA LEU A 74 2.37 8.61 5.67
C LEU A 74 1.18 9.18 4.94
N ARG A 75 -0.08 8.87 5.31
CA ARG A 75 -1.09 9.52 4.46
C ARG A 75 -1.10 11.01 4.79
N GLN A 76 -0.75 11.37 6.04
CA GLN A 76 -0.74 12.78 6.37
C GLN A 76 0.33 13.44 5.49
N LYS A 77 1.38 12.66 5.16
CA LYS A 77 2.44 13.18 4.29
C LYS A 77 1.87 13.37 2.88
N CYS A 78 1.09 12.35 2.46
CA CYS A 78 0.43 12.24 1.17
C CYS A 78 -0.48 13.46 0.98
N ASP A 79 -1.10 13.88 2.10
CA ASP A 79 -2.01 14.99 2.10
C ASP A 79 -1.19 16.28 1.90
N GLU A 80 -0.09 16.40 2.71
CA GLU A 80 0.76 17.56 2.67
C GLU A 80 1.88 17.40 1.64
N ALA A 81 1.61 16.53 0.66
CA ALA A 81 2.49 16.22 -0.44
C ALA A 81 1.81 16.81 -1.66
N GLY A 82 0.65 16.17 -1.92
CA GLY A 82 -0.18 16.57 -3.05
C GLY A 82 -1.28 15.55 -3.36
N LEU A 83 -1.04 14.28 -2.92
CA LEU A 83 -1.93 13.14 -3.10
C LEU A 83 -2.40 13.11 -4.57
N GLU A 84 -1.38 13.25 -5.43
CA GLU A 84 -1.52 13.28 -6.87
C GLU A 84 -2.06 11.91 -7.31
N GLY A 85 -1.13 11.05 -7.76
CA GLY A 85 -1.50 9.69 -8.17
C GLY A 85 -1.39 8.73 -6.98
N ILE A 86 -0.61 9.22 -5.97
CA ILE A 86 -0.32 8.54 -4.74
C ILE A 86 -1.62 8.26 -3.98
N LEU A 87 -1.90 6.95 -4.08
CA LEU A 87 -3.00 6.28 -3.42
C LEU A 87 -2.30 5.55 -2.27
N LEU A 88 -2.86 5.70 -1.06
CA LEU A 88 -2.25 5.03 0.08
C LEU A 88 -3.20 3.88 0.34
N TYR A 89 -2.53 2.73 0.35
CA TYR A 89 -3.15 1.45 0.59
C TYR A 89 -2.38 0.95 1.80
N VAL A 90 -3.02 -0.05 2.43
CA VAL A 90 -2.50 -0.69 3.62
C VAL A 90 -2.64 -2.21 3.41
N GLY A 91 -1.97 -2.96 4.31
CA GLY A 91 -2.08 -4.40 4.19
C GLY A 91 -1.21 -5.09 5.23
N GLY A 92 -0.91 -6.36 4.89
CA GLY A 92 -0.09 -7.18 5.77
C GLY A 92 -0.93 -7.58 6.98
N ASN A 93 -0.51 -7.03 8.14
CA ASN A 93 -1.18 -7.25 9.41
C ASN A 93 -0.98 -8.72 9.80
N ILE A 94 -1.58 -9.04 10.97
CA ILE A 94 -1.52 -10.39 11.52
C ILE A 94 -2.97 -10.68 11.97
N VAL A 95 -3.22 -10.45 13.29
CA VAL A 95 -4.53 -10.69 13.88
C VAL A 95 -5.47 -9.50 13.59
N VAL A 96 -6.17 -9.67 12.46
CA VAL A 96 -7.13 -8.69 11.96
C VAL A 96 -8.55 -9.05 12.49
N GLY A 97 -9.50 -9.22 11.54
CA GLY A 97 -10.88 -9.54 11.90
C GLY A 97 -11.71 -8.26 11.90
N LYS A 98 -11.14 -7.28 12.64
CA LYS A 98 -11.73 -5.97 12.78
C LYS A 98 -10.97 -5.11 11.76
N GLN A 99 -11.30 -5.42 10.50
CA GLN A 99 -10.73 -4.75 9.34
C GLN A 99 -11.80 -4.84 8.23
N HIS A 100 -13.06 -4.91 8.69
CA HIS A 100 -14.22 -5.01 7.82
C HIS A 100 -15.38 -4.55 8.71
N TRP A 101 -15.13 -3.37 9.30
CA TRP A 101 -16.05 -2.72 10.20
C TRP A 101 -15.49 -1.34 10.51
N PRO A 102 -14.19 -1.22 10.99
CA PRO A 102 -13.63 0.07 11.41
C PRO A 102 -13.98 1.13 10.38
N ASP A 103 -14.95 1.96 10.83
CA ASP A 103 -15.50 3.04 10.02
C ASP A 103 -14.51 4.22 9.99
N VAL A 104 -13.36 4.04 10.68
CA VAL A 104 -12.25 4.95 10.89
C VAL A 104 -11.20 4.78 9.78
N GLU A 105 -10.82 3.51 9.50
CA GLU A 105 -9.86 3.26 8.43
C GLU A 105 -10.67 3.41 7.14
N LYS A 106 -11.88 2.81 7.25
CA LYS A 106 -12.88 2.86 6.21
C LYS A 106 -13.34 4.32 6.12
N ARG A 107 -13.00 5.14 7.18
CA ARG A 107 -13.36 6.54 7.11
C ARG A 107 -12.44 7.17 6.04
N PHE A 108 -11.13 6.83 6.18
CA PHE A 108 -10.01 7.35 5.39
C PHE A 108 -9.85 6.60 4.07
N LYS A 109 -10.82 5.70 3.84
CA LYS A 109 -10.84 4.84 2.68
C LYS A 109 -11.61 5.60 1.63
N ASP A 110 -12.85 5.94 2.05
CA ASP A 110 -13.72 6.70 1.20
C ASP A 110 -13.32 8.17 1.35
N MET A 111 -12.52 8.47 2.43
CA MET A 111 -12.12 9.84 2.64
C MET A 111 -10.82 10.12 1.88
N GLY A 112 -10.15 9.04 1.43
CA GLY A 112 -8.93 9.25 0.67
C GLY A 112 -8.76 8.17 -0.38
N TYR A 113 -8.07 7.12 0.12
CA TYR A 113 -7.68 6.01 -0.70
C TYR A 113 -7.41 4.77 0.17
N ASP A 114 -7.05 5.04 1.43
CA ASP A 114 -6.64 4.10 2.47
C ASP A 114 -7.64 3.01 2.64
N ARG A 115 -7.25 2.06 1.79
CA ARG A 115 -7.94 0.77 1.70
C ARG A 115 -6.96 -0.18 2.39
N VAL A 116 -7.40 -1.42 2.60
CA VAL A 116 -6.53 -2.37 3.31
C VAL A 116 -6.81 -3.80 2.84
N TYR A 117 -5.68 -4.55 2.68
CA TYR A 117 -5.74 -5.92 2.18
C TYR A 117 -4.74 -6.72 3.01
N ALA A 118 -5.39 -7.55 3.87
CA ALA A 118 -4.70 -8.44 4.79
C ALA A 118 -5.25 -9.84 4.45
N PRO A 119 -4.42 -10.91 4.71
CA PRO A 119 -4.76 -12.31 4.44
C PRO A 119 -6.23 -12.57 4.78
N GLY A 120 -6.92 -12.85 3.66
CA GLY A 120 -8.35 -13.10 3.62
C GLY A 120 -8.94 -12.49 2.34
N THR A 121 -8.13 -11.53 1.79
CA THR A 121 -8.44 -10.81 0.58
C THR A 121 -8.07 -11.78 -0.57
N PRO A 122 -8.57 -11.49 -1.83
CA PRO A 122 -8.35 -12.32 -3.03
C PRO A 122 -6.87 -12.68 -3.21
N PRO A 123 -6.57 -13.64 -4.15
CA PRO A 123 -5.20 -14.08 -4.39
C PRO A 123 -4.37 -12.92 -4.99
N GLU A 124 -5.09 -11.87 -5.46
CA GLU A 124 -4.42 -10.70 -6.01
C GLU A 124 -5.05 -9.54 -5.24
N VAL A 125 -4.68 -9.58 -3.93
CA VAL A 125 -5.03 -8.67 -2.83
C VAL A 125 -4.99 -7.20 -3.27
N GLY A 126 -4.18 -6.42 -2.54
CA GLY A 126 -3.99 -5.00 -2.80
C GLY A 126 -3.21 -4.69 -4.11
N ILE A 127 -3.23 -5.68 -5.04
CA ILE A 127 -2.58 -5.67 -6.34
C ILE A 127 -3.58 -5.09 -7.35
N ALA A 128 -4.69 -5.85 -7.53
CA ALA A 128 -5.73 -5.43 -8.48
C ALA A 128 -6.54 -4.28 -7.85
N ASP A 129 -6.35 -4.18 -6.54
CA ASP A 129 -6.93 -3.24 -5.61
C ASP A 129 -6.13 -1.94 -5.69
N LEU A 130 -4.78 -2.01 -5.58
CA LEU A 130 -4.02 -0.74 -5.69
C LEU A 130 -4.25 -0.17 -7.11
N LYS A 131 -4.67 -1.08 -8.01
CA LYS A 131 -4.94 -0.75 -9.40
C LYS A 131 -6.35 -0.11 -9.48
N LYS A 132 -7.23 -0.48 -8.51
CA LYS A 132 -8.60 0.03 -8.42
C LYS A 132 -8.48 1.52 -8.08
N ASP A 133 -7.74 1.75 -6.97
CA ASP A 133 -7.59 3.10 -6.46
C ASP A 133 -6.64 3.91 -7.35
N LEU A 134 -6.00 3.22 -8.31
CA LEU A 134 -5.15 3.90 -9.25
C LEU A 134 -6.09 4.35 -10.38
N ASN A 135 -7.16 3.54 -10.59
CA ASN A 135 -8.15 3.79 -11.61
C ASN A 135 -9.28 4.65 -11.02
N ILE A 136 -9.07 5.04 -9.77
CA ILE A 136 -9.93 5.85 -8.96
C ILE A 136 -8.95 6.67 -8.11
N GLU A 137 -7.99 7.28 -8.84
CA GLU A 137 -6.94 8.08 -8.24
C GLU A 137 -7.34 9.57 -8.16
#